data_7V3N
#
_entry.id   7V3N
#
_cell.length_a   114.460
_cell.length_b   114.460
_cell.length_c   55.570
_cell.angle_alpha   90.000
_cell.angle_beta   90.000
_cell.angle_gamma   90.000
#
_symmetry.space_group_name_H-M   'P 43 21 2'
#
loop_
_entity.id
_entity.type
_entity.pdbx_description
1 polymer dioxygenase
2 non-polymer 'FE (II) ION'
3 non-polymer (3S,6S)-3-((R)-2,3-dihydroxy-2-methylpropyl)-6-((S)-4-hydroxybutan-2-yl)piperazine-2,5-dione
4 non-polymer '2-OXOGLUTARIC ACID'
5 non-polymer GLYCEROL
6 water water
#
_entity_poly.entity_id   1
_entity_poly.type   'polypeptide(L)'
_entity_poly.pdbx_seq_one_letter_code
;MTDHARGTLPEIRRGRIYRDVYHKRVDEEPVDRTADLERARLGDDGLDFQDDAAQARAFAQGVFLLEIPEWLDLSAGDRF
ARQFFQGTGVEPYGKYRDLSSEHFGDELLGYHSRVDQLEQFLLERRFWGEVYPSEIATLGEHLTLLSHRVLRSVLASAGI
PEEDWHRASGGCSETNGSYHLTFNHYRSAHQDIGLSSHKDDGFITVLRTTAQGLEVNRDDVWEKVPVDPACFVVNFGLSM
EILTSACVTPLSAIMHRVSHQNFDRSSFGHFSSSRCLPGADDGIYRYLPSAGLERVCGSRELIEENAHEIYMGTEGQGLE
HHHHHHHH
;
_entity_poly.pdbx_strand_id   A
#
loop_
_chem_comp.id
_chem_comp.type
_chem_comp.name
_chem_comp.formula
5UQ non-polymer (3S,6S)-3-((R)-2,3-dihydroxy-2-methylpropyl)-6-((S)-4-hydroxybutan-2-yl)piperazine-2,5-dione 'C12 H22 N2 O5'
AKG non-polymer '2-OXOGLUTARIC ACID' 'C5 H6 O5'
FE2 non-polymer 'FE (II) ION' 'Fe 2'
GOL non-polymer GLYCEROL 'C3 H8 O3'
#
# COMPACT_ATOMS: atom_id res chain seq x y z
N GLU A 11 -17.38 -11.12 -6.97
CA GLU A 11 -17.10 -10.42 -5.72
C GLU A 11 -16.47 -9.05 -5.98
N ILE A 12 -15.64 -8.99 -7.01
CA ILE A 12 -14.96 -7.77 -7.42
C ILE A 12 -15.70 -7.21 -8.62
N ARG A 13 -16.47 -6.13 -8.41
CA ARG A 13 -17.27 -5.51 -9.46
C ARG A 13 -16.77 -4.10 -9.68
N ARG A 14 -16.58 -3.74 -10.94
CA ARG A 14 -15.94 -2.46 -11.25
C ARG A 14 -16.77 -1.30 -10.71
N GLY A 15 -16.09 -0.38 -10.02
CA GLY A 15 -16.75 0.75 -9.39
C GLY A 15 -17.52 0.45 -8.13
N ARG A 16 -17.52 -0.79 -7.64
CA ARG A 16 -18.30 -1.16 -6.46
C ARG A 16 -17.46 -1.70 -5.31
N ILE A 17 -16.14 -1.80 -5.48
CA ILE A 17 -15.29 -2.34 -4.43
C ILE A 17 -15.51 -1.62 -3.12
N TYR A 18 -15.67 -0.29 -3.17
CA TYR A 18 -15.68 0.50 -1.95
C TYR A 18 -17.08 0.93 -1.51
N ARG A 19 -18.15 0.34 -2.06
CA ARG A 19 -19.47 0.84 -1.68
C ARG A 19 -19.71 0.72 -0.18
N ASP A 20 -19.20 -0.33 0.48
CA ASP A 20 -19.39 -0.48 1.91
C ASP A 20 -18.62 0.55 2.76
N VAL A 21 -17.65 1.26 2.18
CA VAL A 21 -16.99 2.38 2.84
C VAL A 21 -17.16 3.66 2.06
N TYR A 22 -18.21 3.74 1.24
CA TYR A 22 -18.48 4.96 0.50
C TYR A 22 -18.59 6.16 1.42
N HIS A 23 -19.19 5.97 2.60
CA HIS A 23 -19.31 7.06 3.55
C HIS A 23 -17.94 7.61 3.95
N LYS A 24 -16.93 6.75 4.00
CA LYS A 24 -15.56 7.21 4.28
C LYS A 24 -14.97 7.97 3.10
N ARG A 25 -15.24 7.50 1.88
CA ARG A 25 -14.66 8.14 0.71
C ARG A 25 -15.17 9.56 0.51
N VAL A 26 -16.43 9.84 0.87
CA VAL A 26 -16.99 11.17 0.66
C VAL A 26 -16.99 12.01 1.94
N ASP A 27 -16.36 11.54 3.01
CA ASP A 27 -16.28 12.31 4.24
C ASP A 27 -15.18 13.34 4.08
N GLU A 28 -15.56 14.60 3.92
CA GLU A 28 -14.60 15.68 3.69
C GLU A 28 -14.57 16.70 4.84
N GLU A 29 -15.17 16.35 5.99
CA GLU A 29 -15.09 17.14 7.21
C GLU A 29 -13.64 17.45 7.54
N PRO A 30 -13.34 18.61 8.10
CA PRO A 30 -11.95 18.93 8.46
C PRO A 30 -11.39 17.92 9.45
N VAL A 31 -10.11 17.61 9.31
CA VAL A 31 -9.44 16.62 10.13
C VAL A 31 -8.70 17.35 11.24
N ASP A 32 -9.08 17.10 12.48
CA ASP A 32 -8.43 17.73 13.62
C ASP A 32 -7.82 16.73 14.59
N ARG A 33 -7.97 15.43 14.35
CA ARG A 33 -7.47 14.40 15.23
C ARG A 33 -6.22 13.77 14.63
N THR A 34 -5.34 13.28 15.50
CA THR A 34 -4.19 12.50 15.08
C THR A 34 -4.34 11.08 15.62
N ALA A 35 -3.99 10.09 14.79
CA ALA A 35 -4.19 8.70 15.15
C ALA A 35 -3.12 8.22 16.12
N ASP A 36 -3.54 7.44 17.11
CA ASP A 36 -2.62 6.85 18.08
C ASP A 36 -2.35 5.42 17.62
N LEU A 37 -1.38 5.28 16.72
CA LEU A 37 -1.10 3.97 16.15
C LEU A 37 -0.24 3.13 17.09
N GLU A 38 -0.44 1.82 17.05
CA GLU A 38 0.48 0.94 17.77
C GLU A 38 1.84 0.94 17.10
N ARG A 39 2.88 0.71 17.89
CA ARG A 39 4.25 0.75 17.41
C ARG A 39 4.91 -0.59 17.65
N ALA A 40 5.58 -1.11 16.62
CA ALA A 40 6.25 -2.39 16.72
C ALA A 40 7.71 -2.22 16.31
N ARG A 41 8.51 -3.23 16.60
CA ARG A 41 9.85 -3.28 16.05
C ARG A 41 10.11 -4.68 15.52
N LEU A 42 11.07 -4.75 14.61
CA LEU A 42 11.50 -5.99 13.97
C LEU A 42 13.00 -6.05 14.22
N GLY A 43 13.37 -6.61 15.35
CA GLY A 43 14.77 -6.65 15.73
C GLY A 43 15.29 -8.06 15.93
N ASP A 44 16.13 -8.26 16.95
CA ASP A 44 16.71 -9.57 17.23
C ASP A 44 15.67 -10.60 17.68
N ASP A 45 14.41 -10.21 17.88
CA ASP A 45 13.38 -11.11 18.39
C ASP A 45 12.21 -11.31 17.43
N GLY A 46 12.32 -10.86 16.18
CA GLY A 46 11.19 -10.89 15.28
C GLY A 46 10.32 -9.65 15.45
N LEU A 47 9.04 -9.78 15.11
CA LEU A 47 8.09 -8.68 15.16
C LEU A 47 7.53 -8.55 16.57
N ASP A 48 7.62 -7.35 17.13
CA ASP A 48 7.55 -7.15 18.58
C ASP A 48 6.70 -5.90 18.86
N PHE A 49 5.46 -6.10 19.31
CA PHE A 49 4.67 -5.02 19.88
C PHE A 49 4.87 -4.99 21.39
N GLN A 50 4.33 -3.96 22.04
CA GLN A 50 4.51 -3.82 23.48
C GLN A 50 3.91 -5.02 24.24
N ASP A 51 2.82 -5.58 23.74
CA ASP A 51 2.22 -6.78 24.32
C ASP A 51 1.21 -7.35 23.33
N ASP A 52 0.61 -8.48 23.69
CA ASP A 52 -0.29 -9.17 22.77
C ASP A 52 -1.50 -8.31 22.43
N ALA A 53 -2.02 -7.56 23.41
CA ALA A 53 -3.18 -6.71 23.15
C ALA A 53 -2.85 -5.66 22.10
N ALA A 54 -1.64 -5.09 22.15
CA ALA A 54 -1.26 -4.08 21.16
C ALA A 54 -1.21 -4.68 19.77
N GLN A 55 -0.62 -5.87 19.64
CA GLN A 55 -0.55 -6.52 18.34
C GLN A 55 -1.95 -6.78 17.79
N ALA A 56 -2.87 -7.22 18.65
CA ALA A 56 -4.22 -7.49 18.20
C ALA A 56 -4.92 -6.22 17.74
N ARG A 57 -4.75 -5.11 18.48
CA ARG A 57 -5.32 -3.85 18.05
C ARG A 57 -4.74 -3.42 16.70
N ALA A 58 -3.42 -3.54 16.54
CA ALA A 58 -2.78 -3.15 15.30
C ALA A 58 -3.34 -3.95 14.12
N PHE A 59 -3.39 -5.28 14.26
CA PHE A 59 -3.84 -6.12 13.15
C PHE A 59 -5.31 -5.90 12.84
N ALA A 60 -6.11 -5.54 13.85
CA ALA A 60 -7.53 -5.25 13.61
C ALA A 60 -7.74 -3.89 12.96
N GLN A 61 -6.83 -2.94 13.18
CA GLN A 61 -6.91 -1.66 12.50
C GLN A 61 -6.34 -1.73 11.09
N GLY A 62 -5.42 -2.66 10.85
CA GLY A 62 -4.80 -2.79 9.54
C GLY A 62 -3.70 -1.79 9.28
N VAL A 63 -3.17 -1.16 10.31
CA VAL A 63 -2.12 -0.17 10.17
C VAL A 63 -1.39 -0.11 11.51
N PHE A 64 -0.07 0.04 11.45
CA PHE A 64 0.73 0.30 12.65
C PHE A 64 2.05 0.92 12.21
N LEU A 65 2.82 1.37 13.19
CA LEU A 65 4.13 1.94 12.96
C LEU A 65 5.18 0.87 13.19
N LEU A 66 6.21 0.87 12.35
CA LEU A 66 7.29 -0.11 12.48
C LEU A 66 8.60 0.65 12.51
N GLU A 67 9.35 0.49 13.61
CA GLU A 67 10.63 1.16 13.74
C GLU A 67 11.56 0.75 12.61
N ILE A 68 12.18 1.73 11.97
CA ILE A 68 13.09 1.48 10.86
C ILE A 68 14.36 0.91 11.47
N PRO A 69 14.77 -0.28 11.05
CA PRO A 69 16.00 -0.89 11.61
C PRO A 69 17.21 -0.02 11.37
N GLU A 70 18.12 -0.01 12.35
CA GLU A 70 19.29 0.86 12.28
C GLU A 70 20.17 0.52 11.08
N TRP A 71 20.13 -0.72 10.61
CA TRP A 71 21.00 -1.11 9.51
C TRP A 71 20.49 -0.65 8.14
N LEU A 72 19.22 -0.27 8.03
CA LEU A 72 18.60 -0.02 6.73
C LEU A 72 18.86 1.42 6.28
N ASP A 73 19.40 1.58 5.08
CA ASP A 73 19.74 2.89 4.54
C ASP A 73 18.65 3.35 3.57
N LEU A 74 18.00 4.47 3.89
CA LEU A 74 16.91 5.01 3.09
C LEU A 74 17.30 6.23 2.28
N SER A 75 18.56 6.68 2.38
CA SER A 75 18.92 7.98 1.81
C SER A 75 18.76 8.00 0.29
N ALA A 76 19.11 6.90 -0.39
CA ALA A 76 18.97 6.90 -1.85
C ALA A 76 17.51 6.90 -2.26
N GLY A 77 16.66 6.19 -1.52
CA GLY A 77 15.24 6.24 -1.78
C GLY A 77 14.65 7.63 -1.60
N ASP A 78 15.05 8.33 -0.53
CA ASP A 78 14.56 9.69 -0.32
C ASP A 78 14.97 10.61 -1.46
N ARG A 79 16.21 10.49 -1.94
CA ARG A 79 16.65 11.33 -3.06
C ARG A 79 15.91 10.97 -4.34
N PHE A 80 15.71 9.67 -4.62
CA PHE A 80 14.97 9.25 -5.80
C PHE A 80 13.54 9.80 -5.79
N ALA A 81 12.89 9.76 -4.62
CA ALA A 81 11.51 10.23 -4.52
C ALA A 81 11.39 11.73 -4.81
N ARG A 82 12.49 12.46 -4.67
CA ARG A 82 12.48 13.90 -4.88
C ARG A 82 13.00 14.30 -6.25
N GLN A 83 13.33 13.32 -7.10
CA GLN A 83 14.01 13.62 -8.35
C GLN A 83 13.43 12.92 -9.57
N PHE A 84 12.76 11.79 -9.38
CA PHE A 84 12.42 10.92 -10.51
C PHE A 84 11.59 11.64 -11.56
N PHE A 85 10.83 12.66 -11.17
CA PHE A 85 9.89 13.32 -12.05
C PHE A 85 10.48 14.49 -12.82
N GLN A 86 11.74 14.82 -12.59
CA GLN A 86 12.28 16.09 -13.07
C GLN A 86 12.77 16.05 -14.51
N GLY A 87 12.91 14.87 -15.12
CA GLY A 87 13.30 14.79 -16.51
C GLY A 87 14.80 14.61 -16.70
N THR A 88 15.18 14.32 -17.94
CA THR A 88 16.58 14.01 -18.26
C THR A 88 17.54 15.15 -17.97
N GLY A 89 17.07 16.37 -17.73
CA GLY A 89 17.99 17.42 -17.35
C GLY A 89 18.69 17.17 -16.02
N VAL A 90 18.00 16.49 -15.09
CA VAL A 90 18.39 16.45 -13.69
C VAL A 90 19.00 15.08 -13.38
N GLU A 91 20.28 15.07 -12.93
CA GLU A 91 21.06 13.91 -12.57
C GLU A 91 21.00 13.68 -11.06
N PRO A 92 21.07 12.43 -10.61
CA PRO A 92 21.22 11.20 -11.38
C PRO A 92 19.90 10.50 -11.74
N TYR A 93 18.77 11.03 -11.27
CA TYR A 93 17.53 10.27 -11.31
C TYR A 93 16.42 10.88 -12.15
N GLY A 94 16.58 12.10 -12.65
CA GLY A 94 15.51 12.73 -13.40
C GLY A 94 15.08 11.98 -14.64
N LYS A 95 15.96 11.16 -15.22
CA LYS A 95 15.64 10.46 -16.46
C LYS A 95 14.52 9.43 -16.29
N TYR A 96 14.19 9.04 -15.06
CA TYR A 96 13.13 8.03 -14.90
C TYR A 96 11.77 8.59 -15.27
N ARG A 97 11.64 9.91 -15.30
CA ARG A 97 10.44 10.55 -15.84
C ARG A 97 10.07 10.03 -17.23
N ASP A 98 11.08 9.67 -18.03
CA ASP A 98 10.88 9.32 -19.43
C ASP A 98 10.62 7.84 -19.67
N LEU A 99 10.61 7.02 -18.62
CA LEU A 99 10.39 5.58 -18.80
C LEU A 99 8.91 5.29 -18.62
N SER A 100 8.23 4.95 -19.70
CA SER A 100 6.81 4.65 -19.63
C SER A 100 6.59 3.15 -19.73
N SER A 101 5.32 2.75 -19.69
CA SER A 101 4.98 1.34 -19.58
C SER A 101 5.48 0.51 -20.75
N GLU A 102 5.61 1.09 -21.94
CA GLU A 102 6.04 0.28 -23.08
C GLU A 102 7.49 -0.17 -22.95
N HIS A 103 8.28 0.48 -22.10
CA HIS A 103 9.63 0.00 -21.81
CA HIS A 103 9.63 0.00 -21.84
C HIS A 103 9.63 -1.33 -21.08
N PHE A 104 8.54 -1.65 -20.38
CA PHE A 104 8.45 -2.81 -19.52
C PHE A 104 7.47 -3.86 -20.00
N GLY A 105 6.71 -3.58 -21.06
CA GLY A 105 5.64 -4.47 -21.44
C GLY A 105 4.58 -4.64 -20.38
N ASP A 106 4.44 -3.67 -19.47
CA ASP A 106 3.50 -3.81 -18.35
C ASP A 106 2.90 -2.45 -18.08
N GLU A 107 1.59 -2.31 -18.31
CA GLU A 107 0.90 -1.03 -18.22
C GLU A 107 0.90 -0.46 -16.81
N LEU A 108 1.18 -1.28 -15.79
CA LEU A 108 1.19 -0.83 -14.41
C LEU A 108 2.44 -0.05 -14.04
N LEU A 109 3.50 -0.12 -14.85
CA LEU A 109 4.85 0.23 -14.45
C LEU A 109 5.34 1.48 -15.17
N GLY A 110 6.41 2.06 -14.61
CA GLY A 110 7.00 3.27 -15.17
C GLY A 110 6.45 4.54 -14.53
N TYR A 111 6.69 5.66 -15.21
CA TYR A 111 6.20 6.95 -14.75
C TYR A 111 4.70 7.08 -15.05
N HIS A 112 3.92 7.52 -14.05
CA HIS A 112 2.49 7.75 -14.22
C HIS A 112 2.10 9.08 -13.61
N SER A 113 1.45 9.92 -14.42
CA SER A 113 0.86 11.15 -13.93
C SER A 113 -0.59 10.86 -13.59
N ARG A 114 -0.94 10.85 -12.30
CA ARG A 114 -2.29 10.50 -11.90
C ARG A 114 -3.21 11.72 -12.00
N VAL A 115 -4.52 11.48 -11.85
CA VAL A 115 -5.47 12.57 -11.92
C VAL A 115 -5.60 13.32 -10.61
N ASP A 116 -5.01 12.80 -9.52
CA ASP A 116 -4.87 13.53 -8.27
C ASP A 116 -3.55 14.29 -8.29
N GLN A 117 -3.13 14.85 -7.15
CA GLN A 117 -1.89 15.62 -7.16
C GLN A 117 -0.68 14.72 -7.43
N LEU A 118 -0.79 13.45 -7.11
CA LEU A 118 0.42 12.64 -7.15
CA LEU A 118 0.32 12.51 -7.14
C LEU A 118 0.80 12.23 -8.57
N GLU A 119 2.11 12.14 -8.76
CA GLU A 119 2.73 11.47 -9.91
C GLU A 119 3.64 10.41 -9.30
N GLN A 120 3.85 9.33 -10.04
CA GLN A 120 4.47 8.13 -9.48
C GLN A 120 5.49 7.53 -10.43
N PHE A 121 6.44 6.81 -9.85
CA PHE A 121 7.22 5.85 -10.63
C PHE A 121 7.07 4.52 -9.91
N LEU A 122 6.57 3.52 -10.62
CA LEU A 122 6.27 2.21 -10.04
C LEU A 122 7.07 1.17 -10.79
N LEU A 123 7.70 0.25 -10.06
CA LEU A 123 8.49 -0.75 -10.74
C LEU A 123 8.42 -2.05 -9.96
N GLU A 124 8.17 -3.15 -10.67
CA GLU A 124 8.09 -4.47 -10.06
C GLU A 124 9.49 -5.10 -10.00
N ARG A 125 9.66 -5.97 -9.01
CA ARG A 125 10.96 -6.52 -8.63
C ARG A 125 11.72 -7.15 -9.79
N ARG A 126 11.02 -7.80 -10.73
CA ARG A 126 11.71 -8.44 -11.84
C ARG A 126 12.53 -7.45 -12.67
N PHE A 127 12.25 -6.15 -12.56
CA PHE A 127 13.01 -5.12 -13.28
C PHE A 127 13.99 -4.34 -12.41
N TRP A 128 13.99 -4.51 -11.08
CA TRP A 128 14.78 -3.60 -10.24
C TRP A 128 16.25 -3.65 -10.62
N GLY A 129 16.82 -4.86 -10.73
CA GLY A 129 18.25 -4.96 -10.95
C GLY A 129 18.68 -4.41 -12.30
N GLU A 130 17.84 -4.61 -13.32
CA GLU A 130 18.14 -4.11 -14.66
C GLU A 130 17.88 -2.62 -14.82
N VAL A 131 16.86 -2.06 -14.17
CA VAL A 131 16.35 -0.75 -14.51
C VAL A 131 16.65 0.29 -13.43
N TYR A 132 16.44 -0.04 -12.15
CA TYR A 132 16.65 0.93 -11.10
C TYR A 132 18.15 1.18 -10.91
N PRO A 133 18.52 2.32 -10.33
CA PRO A 133 19.91 2.48 -9.88
C PRO A 133 20.21 1.38 -8.86
N SER A 134 21.45 0.90 -8.86
CA SER A 134 21.76 -0.26 -8.03
C SER A 134 21.43 -0.02 -6.56
N GLU A 135 21.60 1.21 -6.07
CA GLU A 135 21.29 1.52 -4.68
C GLU A 135 19.79 1.46 -4.41
N ILE A 136 18.97 1.74 -5.42
CA ILE A 136 17.52 1.63 -5.27
C ILE A 136 17.10 0.17 -5.35
N ALA A 137 17.67 -0.61 -6.27
CA ALA A 137 17.40 -2.04 -6.30
C ALA A 137 17.76 -2.67 -4.96
N THR A 138 18.89 -2.27 -4.37
CA THR A 138 19.28 -2.80 -3.07
C THR A 138 18.24 -2.46 -2.01
N LEU A 139 17.76 -1.22 -2.00
CA LEU A 139 16.71 -0.82 -1.09
C LEU A 139 15.47 -1.68 -1.26
N GLY A 140 15.07 -1.92 -2.51
CA GLY A 140 13.91 -2.77 -2.74
C GLY A 140 14.09 -4.17 -2.19
N GLU A 141 15.28 -4.75 -2.36
CA GLU A 141 15.50 -6.11 -1.87
C GLU A 141 15.50 -6.16 -0.35
N HIS A 142 16.06 -5.13 0.30
CA HIS A 142 16.04 -5.08 1.76
C HIS A 142 14.62 -4.96 2.30
N LEU A 143 13.80 -4.12 1.66
CA LEU A 143 12.40 -3.99 2.10
C LEU A 143 11.61 -5.26 1.81
N THR A 144 11.96 -6.00 0.75
CA THR A 144 11.28 -7.27 0.50
C THR A 144 11.55 -8.25 1.63
N LEU A 145 12.80 -8.39 2.05
CA LEU A 145 13.09 -9.32 3.14
C LEU A 145 12.46 -8.85 4.44
N LEU A 146 12.45 -7.54 4.70
CA LEU A 146 11.75 -7.03 5.87
C LEU A 146 10.26 -7.30 5.78
N SER A 147 9.64 -7.00 4.64
CA SER A 147 8.22 -7.25 4.48
C SER A 147 7.88 -8.74 4.61
N HIS A 148 8.76 -9.60 4.08
CA HIS A 148 8.56 -11.04 4.20
C HIS A 148 8.46 -11.46 5.66
N ARG A 149 9.31 -10.90 6.52
CA ARG A 149 9.27 -11.27 7.94
C ARG A 149 7.99 -10.80 8.61
N VAL A 150 7.54 -9.58 8.27
CA VAL A 150 6.27 -9.09 8.81
C VAL A 150 5.13 -10.00 8.41
N LEU A 151 5.05 -10.32 7.12
CA LEU A 151 3.95 -11.13 6.60
C LEU A 151 3.87 -12.48 7.31
N ARG A 152 5.01 -13.13 7.51
CA ARG A 152 4.98 -14.43 8.15
C ARG A 152 4.52 -14.32 9.61
N SER A 153 4.85 -13.23 10.30
CA SER A 153 4.30 -13.04 11.65
C SER A 153 2.80 -12.90 11.62
N VAL A 154 2.27 -12.19 10.61
CA VAL A 154 0.83 -11.99 10.51
C VAL A 154 0.13 -13.30 10.17
N LEU A 155 0.68 -14.05 9.21
CA LEU A 155 0.05 -15.31 8.84
C LEU A 155 0.03 -16.27 10.01
N ALA A 156 1.09 -16.25 10.83
CA ALA A 156 1.15 -17.13 11.98
C ALA A 156 0.08 -16.79 13.01
N SER A 157 -0.36 -15.54 13.08
CA SER A 157 -1.38 -15.15 14.03
C SER A 157 -2.79 -15.37 13.52
N ALA A 158 -2.96 -15.55 12.21
CA ALA A 158 -4.29 -15.68 11.62
C ALA A 158 -4.87 -17.08 11.73
N GLY A 159 -4.07 -18.08 12.07
CA GLY A 159 -4.58 -19.43 12.18
C GLY A 159 -4.68 -20.19 10.88
N ILE A 160 -4.05 -19.71 9.82
CA ILE A 160 -4.02 -20.42 8.56
C ILE A 160 -2.89 -21.45 8.60
N PRO A 161 -3.13 -22.71 8.25
CA PRO A 161 -2.07 -23.71 8.31
C PRO A 161 -0.90 -23.33 7.40
N GLU A 162 0.31 -23.55 7.90
CA GLU A 162 1.52 -23.16 7.16
C GLU A 162 1.61 -23.84 5.82
N GLU A 163 1.04 -25.04 5.69
CA GLU A 163 1.03 -25.74 4.41
C GLU A 163 0.33 -24.92 3.33
N ASP A 164 -0.59 -24.05 3.73
CA ASP A 164 -1.38 -23.25 2.80
C ASP A 164 -0.84 -21.85 2.57
N TRP A 165 0.25 -21.47 3.25
CA TRP A 165 0.68 -20.07 3.20
C TRP A 165 1.08 -19.65 1.81
N HIS A 166 1.77 -20.52 1.07
CA HIS A 166 2.28 -20.13 -0.24
C HIS A 166 1.14 -19.81 -1.20
N ARG A 167 0.11 -20.65 -1.22
CA ARG A 167 -1.03 -20.38 -2.09
C ARG A 167 -1.87 -19.24 -1.54
N ALA A 168 -2.01 -19.15 -0.22
CA ALA A 168 -2.81 -18.10 0.38
C ALA A 168 -2.22 -16.73 0.11
N SER A 169 -0.90 -16.65 -0.04
CA SER A 169 -0.20 -15.38 -0.20
C SER A 169 0.25 -15.13 -1.63
N GLY A 170 -0.16 -15.97 -2.58
CA GLY A 170 0.31 -15.85 -3.94
C GLY A 170 1.81 -15.85 -4.03
N GLY A 171 2.46 -16.59 -3.14
CA GLY A 171 3.91 -16.69 -3.13
C GLY A 171 4.62 -15.78 -2.16
N CYS A 172 3.93 -14.79 -1.58
CA CYS A 172 4.62 -13.82 -0.72
C CYS A 172 5.21 -14.47 0.53
N SER A 173 4.67 -15.59 0.98
CA SER A 173 5.24 -16.23 2.16
C SER A 173 6.64 -16.78 1.91
N GLU A 174 7.08 -16.89 0.64
CA GLU A 174 8.44 -17.33 0.35
C GLU A 174 9.17 -16.37 -0.61
N THR A 175 8.81 -15.09 -0.59
CA THR A 175 9.37 -14.05 -1.47
C THR A 175 9.27 -14.43 -2.95
N ASN A 176 8.15 -15.08 -3.29
CA ASN A 176 7.80 -15.44 -4.67
C ASN A 176 6.57 -14.68 -5.17
N GLY A 177 6.11 -13.66 -4.45
CA GLY A 177 4.99 -12.86 -4.91
C GLY A 177 5.44 -11.81 -5.88
N SER A 178 4.61 -10.78 -6.04
CA SER A 178 4.99 -9.61 -6.83
C SER A 178 5.24 -8.45 -5.87
N TYR A 179 6.31 -7.71 -6.11
CA TYR A 179 6.73 -6.63 -5.23
C TYR A 179 6.97 -5.38 -6.05
N HIS A 180 6.31 -4.29 -5.67
CA HIS A 180 6.50 -3.03 -6.35
C HIS A 180 7.16 -2.05 -5.39
N LEU A 181 8.23 -1.40 -5.86
CA LEU A 181 8.83 -0.28 -5.15
C LEU A 181 8.39 0.98 -5.88
N THR A 182 7.61 1.80 -5.20
CA THR A 182 6.87 2.88 -5.84
C THR A 182 7.21 4.20 -5.18
N PHE A 183 7.50 5.22 -5.99
CA PHE A 183 7.90 6.53 -5.51
C PHE A 183 6.81 7.53 -5.85
N ASN A 184 6.43 8.36 -4.88
CA ASN A 184 5.32 9.28 -4.99
C ASN A 184 5.81 10.71 -4.86
N HIS A 185 5.34 11.59 -5.74
CA HIS A 185 5.58 13.03 -5.60
C HIS A 185 4.24 13.74 -5.75
N TYR A 186 3.89 14.53 -4.76
CA TYR A 186 2.62 15.26 -4.75
C TYR A 186 2.86 16.65 -5.30
N ARG A 187 2.27 16.94 -6.46
CA ARG A 187 2.45 18.21 -7.17
C ARG A 187 1.51 19.25 -6.55
N SER A 188 2.04 20.11 -5.67
CA SER A 188 1.18 21.06 -4.98
C SER A 188 0.54 22.09 -5.91
N ALA A 189 1.05 22.26 -7.13
CA ALA A 189 0.38 23.15 -8.07
C ALA A 189 -0.93 22.58 -8.59
N HIS A 190 -1.18 21.31 -8.41
CA HIS A 190 -2.43 20.70 -8.87
C HIS A 190 -3.52 20.88 -7.82
N GLN A 191 -4.75 21.08 -8.28
CA GLN A 191 -5.80 21.26 -7.29
C GLN A 191 -6.26 19.92 -6.72
N ASP A 192 -6.90 19.99 -5.56
CA ASP A 192 -7.67 18.89 -4.98
C ASP A 192 -6.79 17.84 -4.31
N ILE A 193 -7.37 16.65 -4.04
CA ILE A 193 -6.81 15.75 -3.05
C ILE A 193 -5.42 15.29 -3.48
N GLY A 194 -4.53 15.08 -2.50
CA GLY A 194 -3.21 14.56 -2.82
C GLY A 194 -3.28 13.16 -3.40
N LEU A 195 -4.01 12.26 -2.74
CA LEU A 195 -4.28 10.92 -3.25
C LEU A 195 -5.60 10.47 -2.65
N SER A 196 -6.56 10.11 -3.52
CA SER A 196 -7.90 9.74 -3.08
C SER A 196 -7.86 8.58 -2.08
N SER A 197 -8.90 8.51 -1.24
CA SER A 197 -9.01 7.44 -0.27
C SER A 197 -9.02 6.09 -0.95
N HIS A 198 -8.37 5.10 -0.33
CA HIS A 198 -8.27 3.81 -0.97
C HIS A 198 -7.73 2.81 0.04
N LYS A 199 -7.81 1.55 -0.35
CA LYS A 199 -7.03 0.49 0.25
C LYS A 199 -6.02 0.03 -0.79
N ASP A 200 -4.83 -0.35 -0.33
CA ASP A 200 -3.84 -0.91 -1.26
C ASP A 200 -4.30 -2.29 -1.73
N ASP A 201 -3.77 -2.73 -2.88
CA ASP A 201 -4.27 -3.98 -3.46
C ASP A 201 -3.86 -5.20 -2.66
N GLY A 202 -2.66 -5.19 -2.11
CA GLY A 202 -1.94 -6.42 -1.79
C GLY A 202 -2.04 -6.84 -0.34
N PHE A 203 -1.01 -7.51 0.13
CA PHE A 203 -1.02 -8.01 1.50
C PHE A 203 -0.45 -6.98 2.47
N ILE A 204 0.79 -6.56 2.23
CA ILE A 204 1.55 -5.68 3.12
C ILE A 204 2.09 -4.53 2.29
N THR A 205 1.93 -3.30 2.80
CA THR A 205 2.60 -2.13 2.27
C THR A 205 3.49 -1.56 3.36
N VAL A 206 4.72 -1.20 3.01
CA VAL A 206 5.65 -0.53 3.91
C VAL A 206 5.87 0.86 3.32
N LEU A 207 5.41 1.89 4.03
CA LEU A 207 5.42 3.26 3.54
CA LEU A 207 5.40 3.27 3.55
C LEU A 207 6.45 4.09 4.28
N ARG A 208 7.25 4.84 3.52
CA ARG A 208 8.22 5.77 4.07
C ARG A 208 7.70 7.20 3.84
N THR A 209 7.27 7.86 4.91
CA THR A 209 6.86 9.25 4.82
CA THR A 209 6.80 9.24 4.87
C THR A 209 7.65 10.09 5.82
N THR A 210 7.85 11.35 5.47
CA THR A 210 8.63 12.27 6.29
C THR A 210 7.91 13.60 6.53
N ALA A 211 6.66 13.73 6.07
CA ALA A 211 5.97 15.02 6.19
C ALA A 211 4.47 14.76 6.30
N GLN A 212 3.77 15.74 6.84
CA GLN A 212 2.33 15.61 7.04
C GLN A 212 1.61 15.36 5.70
N GLY A 213 0.50 14.61 5.77
CA GLY A 213 -0.34 14.42 4.61
C GLY A 213 -1.15 13.13 4.67
N LEU A 214 -0.55 12.07 5.19
CA LEU A 214 -1.22 10.79 5.25
C LEU A 214 -2.32 10.82 6.31
N GLU A 215 -3.50 10.33 5.96
CA GLU A 215 -4.61 10.25 6.89
C GLU A 215 -5.18 8.84 6.79
N VAL A 216 -5.69 8.33 7.91
CA VAL A 216 -6.24 6.98 7.97
C VAL A 216 -7.63 7.06 8.58
N ASN A 217 -8.49 6.12 8.20
CA ASN A 217 -9.85 6.06 8.77
C ASN A 217 -10.02 4.64 9.27
N ARG A 218 -9.63 4.41 10.52
CA ARG A 218 -9.65 3.07 11.09
C ARG A 218 -11.03 2.65 11.53
N ASP A 219 -11.91 3.60 11.82
CA ASP A 219 -13.18 3.26 12.42
C ASP A 219 -14.30 4.10 11.81
N ASP A 220 -14.45 5.34 12.26
CA ASP A 220 -15.52 6.18 11.77
C ASP A 220 -15.10 7.61 11.49
N VAL A 221 -13.82 7.92 11.51
CA VAL A 221 -13.37 9.30 11.38
C VAL A 221 -11.97 9.29 10.76
N TRP A 222 -11.71 10.28 9.92
CA TRP A 222 -10.38 10.47 9.35
C TRP A 222 -9.46 11.13 10.36
N GLU A 223 -8.23 10.60 10.47
CA GLU A 223 -7.26 11.06 11.45
C GLU A 223 -5.89 11.15 10.79
N LYS A 224 -5.11 12.14 11.21
CA LYS A 224 -3.78 12.33 10.65
C LYS A 224 -2.80 11.32 11.22
N VAL A 225 -1.94 10.78 10.37
CA VAL A 225 -0.86 9.93 10.85
C VAL A 225 0.29 10.82 11.31
N PRO A 226 0.75 10.72 12.56
CA PRO A 226 1.81 11.61 13.03
C PRO A 226 3.09 11.40 12.20
N VAL A 227 3.83 12.49 12.01
CA VAL A 227 5.07 12.43 11.24
C VAL A 227 6.15 11.84 12.14
N ASP A 228 6.73 10.71 11.72
CA ASP A 228 7.83 10.10 12.44
C ASP A 228 8.78 9.48 11.42
N PRO A 229 9.85 10.18 11.06
CA PRO A 229 10.76 9.65 10.04
C PRO A 229 11.66 8.54 10.53
N ALA A 230 11.55 8.13 11.80
CA ALA A 230 12.20 6.95 12.32
C ALA A 230 11.31 5.71 12.29
N CYS A 231 10.10 5.82 11.73
CA CYS A 231 9.19 4.68 11.61
C CYS A 231 8.64 4.59 10.20
N PHE A 232 8.42 3.36 9.76
CA PHE A 232 7.56 3.06 8.62
C PHE A 232 6.11 3.03 9.06
N VAL A 233 5.21 3.35 8.13
CA VAL A 233 3.80 2.99 8.29
C VAL A 233 3.60 1.67 7.56
N VAL A 234 3.05 0.67 8.25
CA VAL A 234 2.74 -0.62 7.64
C VAL A 234 1.24 -0.73 7.50
N ASN A 235 0.79 -0.97 6.27
CA ASN A 235 -0.62 -1.09 5.90
C ASN A 235 -0.90 -2.54 5.53
N PHE A 236 -2.08 -3.03 5.90
CA PHE A 236 -2.62 -4.22 5.24
C PHE A 236 -3.50 -3.79 4.08
N GLY A 237 -3.47 -4.57 3.00
CA GLY A 237 -4.23 -4.27 1.81
C GLY A 237 -5.43 -5.18 1.61
N LEU A 238 -6.09 -4.96 0.47
CA LEU A 238 -7.33 -5.69 0.17
C LEU A 238 -7.11 -7.20 0.17
N SER A 239 -5.95 -7.67 -0.29
CA SER A 239 -5.73 -9.11 -0.35
C SER A 239 -5.66 -9.72 1.04
N MET A 240 -5.10 -8.98 2.00
CA MET A 240 -5.06 -9.47 3.38
C MET A 240 -6.46 -9.50 3.98
N GLU A 241 -7.26 -8.49 3.68
CA GLU A 241 -8.64 -8.45 4.16
C GLU A 241 -9.45 -9.61 3.56
N ILE A 242 -9.35 -9.80 2.24
CA ILE A 242 -10.07 -10.88 1.59
C ILE A 242 -9.65 -12.23 2.17
N LEU A 243 -8.33 -12.44 2.33
CA LEU A 243 -7.81 -13.73 2.79
C LEU A 243 -8.33 -14.09 4.17
N THR A 244 -8.37 -13.14 5.10
CA THR A 244 -8.71 -13.42 6.48
C THR A 244 -10.18 -13.15 6.81
N SER A 245 -11.01 -12.85 5.80
CA SER A 245 -12.36 -12.36 6.05
C SER A 245 -13.25 -13.38 6.76
N ALA A 246 -12.86 -14.66 6.77
CA ALA A 246 -13.64 -15.69 7.45
C ALA A 246 -12.85 -16.37 8.57
N CYS A 247 -11.67 -15.88 8.89
CA CYS A 247 -10.91 -16.45 10.00
C CYS A 247 -11.54 -16.03 11.33
N VAL A 248 -11.01 -16.59 12.42
CA VAL A 248 -11.53 -16.25 13.74
C VAL A 248 -11.35 -14.76 14.02
N THR A 249 -10.26 -14.18 13.51
CA THR A 249 -9.95 -12.76 13.72
C THR A 249 -9.69 -12.14 12.35
N PRO A 250 -10.73 -11.67 11.68
CA PRO A 250 -10.51 -11.02 10.38
C PRO A 250 -9.65 -9.78 10.54
N LEU A 251 -8.69 -9.62 9.62
CA LEU A 251 -7.83 -8.46 9.62
C LEU A 251 -8.36 -7.43 8.62
N SER A 252 -8.23 -6.15 8.96
CA SER A 252 -8.76 -5.10 8.12
C SER A 252 -7.68 -4.57 7.18
N ALA A 253 -8.09 -4.20 5.96
CA ALA A 253 -7.28 -3.33 5.14
C ALA A 253 -7.57 -1.89 5.53
N ILE A 254 -6.53 -1.08 5.69
CA ILE A 254 -6.73 0.28 6.19
C ILE A 254 -7.12 1.21 5.05
N MET A 255 -8.23 1.94 5.23
CA MET A 255 -8.61 3.02 4.33
C MET A 255 -7.73 4.23 4.62
N HIS A 256 -7.06 4.77 3.60
CA HIS A 256 -6.15 5.87 3.83
C HIS A 256 -6.13 6.81 2.63
N ARG A 257 -5.63 8.02 2.84
CA ARG A 257 -5.61 9.02 1.77
C ARG A 257 -4.50 10.00 2.08
N VAL A 258 -4.19 10.86 1.11
CA VAL A 258 -3.23 11.93 1.32
C VAL A 258 -3.94 13.25 1.07
N SER A 259 -3.95 14.12 2.08
CA SER A 259 -4.66 15.39 1.97
C SER A 259 -4.02 16.28 0.90
N HIS A 260 -4.82 17.21 0.37
CA HIS A 260 -4.30 18.22 -0.55
C HIS A 260 -3.04 18.88 0.01
N GLN A 261 -2.00 18.93 -0.82
CA GLN A 261 -0.70 19.45 -0.42
C GLN A 261 -0.53 20.87 -0.92
N ASN A 262 -0.20 21.78 -0.01
CA ASN A 262 0.03 23.17 -0.40
C ASN A 262 1.47 23.41 -0.85
N PHE A 263 2.40 22.56 -0.44
CA PHE A 263 3.75 22.54 -0.99
C PHE A 263 4.09 21.07 -1.26
N ASP A 264 5.07 20.86 -2.12
CA ASP A 264 5.35 19.53 -2.63
C ASP A 264 5.71 18.56 -1.50
N ARG A 265 5.34 17.30 -1.68
CA ARG A 265 5.55 16.23 -0.71
C ARG A 265 6.04 15.01 -1.46
N SER A 266 6.90 14.22 -0.83
CA SER A 266 7.43 13.02 -1.46
C SER A 266 7.30 11.85 -0.50
N SER A 267 7.15 10.65 -1.07
CA SER A 267 7.10 9.46 -0.23
C SER A 267 7.45 8.27 -1.10
N PHE A 268 7.69 7.12 -0.47
CA PHE A 268 7.78 5.92 -1.28
C PHE A 268 7.32 4.72 -0.47
N GLY A 269 6.94 3.67 -1.18
CA GLY A 269 6.36 2.51 -0.52
C GLY A 269 6.79 1.22 -1.19
N HIS A 270 6.82 0.16 -0.40
CA HIS A 270 7.08 -1.19 -0.89
C HIS A 270 5.79 -1.99 -0.71
N PHE A 271 5.31 -2.60 -1.78
CA PHE A 271 4.00 -3.26 -1.81
C PHE A 271 4.22 -4.73 -2.12
N SER A 272 3.60 -5.60 -1.35
CA SER A 272 3.66 -7.04 -1.56
C SER A 272 2.29 -7.51 -2.04
N SER A 273 2.25 -8.21 -3.18
CA SER A 273 0.99 -8.70 -3.73
C SER A 273 1.16 -10.15 -4.18
N SER A 274 0.04 -10.85 -4.30
CA SER A 274 0.03 -12.14 -4.99
C SER A 274 0.61 -11.96 -6.39
N ARG A 275 1.40 -12.94 -6.83
CA ARG A 275 2.11 -12.82 -8.09
C ARG A 275 1.14 -12.46 -9.21
N CYS A 276 1.48 -11.40 -9.96
CA CYS A 276 0.55 -10.82 -10.91
C CYS A 276 1.22 -10.60 -12.26
N LEU A 277 2.20 -11.42 -12.60
CA LEU A 277 2.90 -11.29 -13.87
C LEU A 277 1.91 -11.44 -15.02
N PRO A 278 2.09 -10.69 -16.12
CA PRO A 278 1.11 -10.76 -17.22
C PRO A 278 0.82 -12.16 -17.71
N GLY A 279 1.75 -13.12 -17.54
CA GLY A 279 1.48 -14.47 -17.95
C GLY A 279 1.55 -15.52 -16.85
N ALA A 280 1.56 -15.08 -15.59
CA ALA A 280 1.63 -15.99 -14.44
C ALA A 280 1.00 -15.27 -13.24
N ASP A 281 -0.30 -15.46 -13.07
CA ASP A 281 -1.09 -14.78 -12.05
C ASP A 281 -1.49 -15.83 -11.02
N ASP A 282 -1.10 -15.61 -9.76
CA ASP A 282 -1.37 -16.62 -8.72
C ASP A 282 -2.75 -16.50 -8.09
N GLY A 283 -3.48 -15.42 -8.33
CA GLY A 283 -4.84 -15.29 -7.84
C GLY A 283 -4.92 -14.83 -6.40
N ILE A 284 -6.15 -14.47 -6.01
CA ILE A 284 -6.49 -14.01 -4.68
C ILE A 284 -7.43 -15.03 -4.05
N TYR A 285 -7.15 -15.43 -2.82
CA TYR A 285 -7.91 -16.48 -2.17
C TYR A 285 -8.47 -15.98 -0.85
N ARG A 286 -9.58 -16.57 -0.42
CA ARG A 286 -10.00 -16.45 0.97
C ARG A 286 -9.87 -17.81 1.64
N TYR A 287 -9.52 -17.79 2.92
CA TYR A 287 -9.37 -19.01 3.70
C TYR A 287 -10.66 -19.28 4.46
N LEU A 288 -11.25 -20.45 4.23
CA LEU A 288 -12.43 -20.85 4.98
C LEU A 288 -12.00 -21.89 6.00
N PRO A 289 -12.16 -21.63 7.30
CA PRO A 289 -11.73 -22.61 8.32
C PRO A 289 -12.23 -24.03 8.04
N SER A 290 -13.42 -24.19 7.47
CA SER A 290 -13.89 -25.51 7.08
C SER A 290 -13.14 -26.02 5.85
N ALA A 291 -13.41 -25.42 4.70
CA ALA A 291 -13.02 -25.98 3.41
C ALA A 291 -11.61 -25.60 2.97
N GLY A 292 -10.97 -24.61 3.60
CA GLY A 292 -9.67 -24.19 3.14
C GLY A 292 -9.70 -23.02 2.17
N LEU A 293 -8.76 -22.98 1.22
CA LEU A 293 -8.63 -21.83 0.33
C LEU A 293 -9.60 -21.91 -0.83
N GLU A 294 -10.23 -20.78 -1.14
CA GLU A 294 -11.15 -20.65 -2.26
C GLU A 294 -10.77 -19.42 -3.06
N ARG A 295 -10.72 -19.56 -4.39
CA ARG A 295 -10.30 -18.44 -5.23
C ARG A 295 -11.40 -17.39 -5.33
N VAL A 296 -10.99 -16.12 -5.23
CA VAL A 296 -11.90 -14.98 -5.28
C VAL A 296 -11.77 -14.23 -6.60
N CYS A 297 -10.55 -13.95 -7.03
CA CYS A 297 -10.35 -13.19 -8.27
C CYS A 297 -8.89 -13.34 -8.68
N GLY A 298 -8.54 -12.66 -9.79
CA GLY A 298 -7.16 -12.60 -10.20
C GLY A 298 -6.39 -11.52 -9.49
N SER A 299 -5.07 -11.68 -9.39
CA SER A 299 -4.27 -10.68 -8.69
C SER A 299 -4.19 -9.39 -9.51
N ARG A 300 -3.82 -9.50 -10.78
CA ARG A 300 -3.82 -8.31 -11.63
C ARG A 300 -5.24 -7.75 -11.79
N GLU A 301 -6.24 -8.63 -11.85
CA GLU A 301 -7.63 -8.17 -11.93
C GLU A 301 -7.97 -7.25 -10.76
N LEU A 302 -7.61 -7.66 -9.54
CA LEU A 302 -7.87 -6.81 -8.39
C LEU A 302 -7.14 -5.48 -8.51
N ILE A 303 -5.88 -5.52 -8.92
CA ILE A 303 -5.05 -4.31 -9.03
C ILE A 303 -5.68 -3.31 -9.98
N GLU A 304 -6.14 -3.77 -11.14
CA GLU A 304 -6.62 -2.81 -12.11
C GLU A 304 -8.04 -2.35 -11.81
N GLU A 305 -8.88 -3.21 -11.22
CA GLU A 305 -10.18 -2.69 -10.81
C GLU A 305 -10.05 -1.74 -9.63
N ASN A 306 -9.10 -2.01 -8.74
CA ASN A 306 -8.83 -1.05 -7.66
C ASN A 306 -8.35 0.29 -8.22
N ALA A 307 -7.39 0.25 -9.15
CA ALA A 307 -6.89 1.50 -9.73
C ALA A 307 -8.01 2.30 -10.38
N HIS A 308 -8.91 1.61 -11.09
CA HIS A 308 -10.04 2.29 -11.68
C HIS A 308 -10.84 3.04 -10.63
N GLU A 309 -11.19 2.35 -9.55
CA GLU A 309 -12.11 2.95 -8.60
C GLU A 309 -11.45 3.97 -7.69
N ILE A 310 -10.16 3.80 -7.38
CA ILE A 310 -9.49 4.81 -6.56
C ILE A 310 -9.61 6.18 -7.20
N TYR A 311 -9.32 6.27 -8.49
CA TYR A 311 -9.23 7.57 -9.15
C TYR A 311 -10.51 7.97 -9.86
N MET A 312 -11.33 7.02 -10.30
CA MET A 312 -12.58 7.38 -10.99
C MET A 312 -13.76 7.48 -10.05
N GLY A 313 -13.67 6.89 -8.87
CA GLY A 313 -14.72 7.03 -7.89
C GLY A 313 -15.58 5.77 -7.78
N THR A 314 -16.25 5.66 -6.66
CA THR A 314 -17.17 4.55 -6.36
C THR A 314 -18.59 4.93 -6.79
N GLU A 315 -19.34 3.96 -7.32
CA GLU A 315 -20.75 4.22 -7.61
C GLU A 315 -21.50 4.56 -6.33
N GLY A 316 -22.19 5.71 -6.33
CA GLY A 316 -22.85 6.21 -5.14
C GLY A 316 -24.36 6.19 -5.12
N GLN A 317 -25.02 5.57 -6.11
CA GLN A 317 -26.47 5.64 -6.13
C GLN A 317 -27.04 4.91 -4.91
N GLY A 318 -28.03 5.52 -4.28
CA GLY A 318 -28.63 5.00 -3.09
C GLY A 318 -27.89 5.35 -1.81
N LEU A 319 -26.71 5.98 -1.93
CA LEU A 319 -25.89 6.31 -0.76
C LEU A 319 -25.74 7.81 -0.59
N GLU A 320 -26.67 8.58 -1.17
CA GLU A 320 -26.55 10.03 -1.16
C GLU A 320 -26.64 10.64 0.24
N HIS A 321 -27.28 9.96 1.18
CA HIS A 321 -27.35 10.53 2.52
C HIS A 321 -25.98 10.63 3.18
N HIS A 322 -24.96 9.99 2.62
CA HIS A 322 -23.61 10.10 3.17
C HIS A 322 -22.93 11.40 2.79
N HIS A 323 -23.50 12.17 1.88
CA HIS A 323 -22.98 13.47 1.52
C HIS A 323 -23.53 14.53 2.46
N HIS A 324 -22.64 15.29 3.09
CA HIS A 324 -23.07 16.24 4.11
C HIS A 324 -24.01 17.30 3.55
N HIS A 325 -23.85 17.65 2.27
CA HIS A 325 -24.64 18.74 1.70
C HIS A 325 -26.08 18.35 1.41
N HIS A 326 -26.40 17.05 1.38
CA HIS A 326 -27.77 16.62 1.15
C HIS A 326 -28.65 16.71 2.40
N HIS A 327 -28.05 16.89 3.57
CA HIS A 327 -28.81 17.11 4.80
C HIS A 327 -29.10 18.59 5.00
FE FE2 B . -1.97 3.39 -0.33
C1 5UQ C . -0.08 -1.02 -9.54
C4 5UQ C . -0.12 -0.92 -7.99
C7 5UQ C . 0.51 -3.26 -7.41
C9 5UQ C . -2.10 4.50 -4.73
C11 5UQ C . -1.34 3.54 -7.17
C13 5UQ C . -1.83 3.36 -5.74
C14 5UQ C . 0.94 -1.80 -7.31
C15 5UQ C . -1.89 1.91 -5.20
C16 5UQ C . -1.12 -0.39 -4.75
C17 5UQ C . -0.64 1.07 -4.82
C18 5UQ C . 1.52 0.10 -5.85
C19 5UQ C . 1.04 -1.36 -5.83
N2 5UQ C . -0.28 -1.52 -5.23
N5 5UQ C . 0.66 1.22 -5.43
O3 5UQ C . -1.01 -0.10 -10.09
O6 5UQ C . -0.46 3.54 -5.37
O8 5UQ C . -1.72 4.79 -7.69
O10 5UQ C . 2.61 0.34 -6.26
O12 5UQ C . -2.18 -0.62 -4.27
C1 AKG D . 0.02 4.74 -1.96
O1 AKG D . 0.81 5.08 -2.88
O2 AKG D . -0.67 3.71 -2.07
C2 AKG D . -0.07 5.57 -0.77
O5 AKG D . -0.98 5.46 0.03
C3 AKG D . 1.00 6.61 -0.53
C4 AKG D . 0.65 7.38 0.72
C5 AKG D . 1.67 8.46 0.99
O3 AKG D . 1.92 8.74 2.19
O4 AKG D . 2.18 9.07 0.03
C1 GOL E . -17.68 10.76 -5.01
O1 GOL E . -19.07 10.52 -5.22
C2 GOL E . -16.86 9.54 -5.42
O2 GOL E . -17.55 8.84 -6.48
C3 GOL E . -16.71 8.62 -4.21
O3 GOL E . -15.73 7.63 -4.49
#